data_8PQO
#
_entry.id   8PQO
#
_cell.length_a   50.330
_cell.length_b   81.906
_cell.length_c   94.701
_cell.angle_alpha   90.00
_cell.angle_beta   90.00
_cell.angle_gamma   90.00
#
_symmetry.space_group_name_H-M   'P 2 21 21'
#
loop_
_entity.id
_entity.type
_entity.pdbx_description
1 polymer 'Phosphatidylinositol transfer protein alpha isoform'
2 polymer 'Inhibitor VT01545'
3 non-polymer IMIDAZOLE
4 non-polymer GLYCEROL
5 non-polymer 'NICKEL (II) ION'
6 water water
#
loop_
_entity_poly.entity_id
_entity_poly.type
_entity_poly.pdbx_seq_one_letter_code
_entity_poly.pdbx_strand_id
1 'polypeptide(L)'
;SMVLLKEYRVILPVSVDEYQVGQLYSVAEASKNETGGGEGVEVLVNEPYEKDGEKGQYTHKIYHLQSKVPTFVRMLAPEG
ALNIHEKAWNAYPYCRTVITNEYMKEDFLIKIETWHKPDLGTQENVHKLEPEAWKHVEAVYIDIADRSQVLSKDYKAEED
PAKFKSIKTGRGPLGPNWKQELVNQKDCPYMCAYKLVTVKFKWWGLQNKVENFIHKQERRLFTNFHRQLFCWLDKWVDLT
MDDIRRMEEETKRQLDEMRQKDPVKGMTADD
;
A
2 'polypeptide(L)' (F8O)(MLU)(2TL)(MV9)(UYA)(A1IG7) C
#
# COMPACT_ATOMS: atom_id res chain seq x y z
N VAL A 3 -14.41 -8.75 13.88
CA VAL A 3 -13.52 -8.25 12.84
C VAL A 3 -13.19 -6.79 13.10
N LEU A 4 -11.91 -6.45 12.98
CA LEU A 4 -11.38 -5.14 13.36
C LEU A 4 -11.00 -4.34 12.12
N LEU A 5 -11.44 -3.09 12.08
CA LEU A 5 -11.23 -2.22 10.92
C LEU A 5 -10.44 -0.99 11.36
N LYS A 6 -9.43 -0.61 10.57
CA LYS A 6 -8.69 0.60 10.89
C LYS A 6 -8.41 1.37 9.61
N GLU A 7 -8.47 2.70 9.70
CA GLU A 7 -8.17 3.57 8.57
C GLU A 7 -6.82 4.23 8.80
N TYR A 8 -5.84 3.87 7.98
CA TYR A 8 -4.52 4.48 8.02
C TYR A 8 -4.50 5.69 7.09
N ARG A 9 -4.23 6.86 7.65
CA ARG A 9 -4.20 8.09 6.87
C ARG A 9 -2.74 8.48 6.66
N VAL A 10 -2.30 8.46 5.42
CA VAL A 10 -0.91 8.71 5.06
C VAL A 10 -0.88 10.05 4.35
N ILE A 11 -0.50 11.10 5.08
CA ILE A 11 -0.37 12.45 4.51
C ILE A 11 1.02 12.58 3.88
N LEU A 12 1.06 13.02 2.63
CA LEU A 12 2.27 13.05 1.85
C LEU A 12 2.45 14.38 1.14
N PRO A 13 3.71 14.86 1.02
CA PRO A 13 4.01 16.09 0.28
C PRO A 13 4.20 15.85 -1.21
N VAL A 14 3.29 15.08 -1.80
CA VAL A 14 3.19 14.94 -3.25
C VAL A 14 1.73 15.19 -3.62
N SER A 15 1.48 15.28 -4.91
CA SER A 15 0.10 15.40 -5.37
C SER A 15 -0.50 14.02 -5.59
N VAL A 16 -1.83 13.97 -5.66
CA VAL A 16 -2.50 12.72 -6.01
C VAL A 16 -1.94 12.16 -7.31
N ASP A 17 -1.91 13.00 -8.34
CA ASP A 17 -1.33 12.60 -9.61
C ASP A 17 0.06 12.03 -9.42
N GLU A 18 0.90 12.77 -8.68
CA GLU A 18 2.25 12.28 -8.40
C GLU A 18 2.22 10.93 -7.70
N TYR A 19 1.34 10.78 -6.70
CA TYR A 19 1.32 9.53 -5.93
C TYR A 19 1.11 8.34 -6.84
N GLN A 20 0.22 8.46 -7.83
CA GLN A 20 -0.02 7.30 -8.70
C GLN A 20 1.28 6.76 -9.27
N VAL A 21 2.04 7.64 -9.93
CA VAL A 21 3.31 7.27 -10.54
C VAL A 21 4.30 6.79 -9.48
N GLY A 22 4.40 7.54 -8.38
CA GLY A 22 5.39 7.21 -7.36
C GLY A 22 5.16 5.85 -6.75
N GLN A 23 3.90 5.51 -6.47
CA GLN A 23 3.58 4.22 -5.89
C GLN A 23 3.90 3.09 -6.86
N LEU A 24 3.53 3.23 -8.13
CA LEU A 24 3.86 2.18 -9.07
C LEU A 24 5.38 1.98 -9.16
N TYR A 25 6.12 3.08 -9.34
CA TYR A 25 7.57 2.99 -9.37
C TYR A 25 8.10 2.32 -8.12
N SER A 26 7.60 2.70 -6.94
CA SER A 26 8.20 2.22 -5.70
C SER A 26 7.94 0.74 -5.50
N VAL A 27 6.73 0.26 -5.83
CA VAL A 27 6.51 -1.19 -5.79
C VAL A 27 7.58 -1.89 -6.63
N ALA A 28 7.65 -1.52 -7.92
CA ALA A 28 8.63 -2.16 -8.79
C ALA A 28 10.05 -2.08 -8.22
N GLU A 29 10.45 -0.89 -7.77
CA GLU A 29 11.84 -0.64 -7.40
C GLU A 29 12.22 -1.33 -6.10
N ALA A 30 11.34 -1.29 -5.10
CA ALA A 30 11.60 -1.98 -3.84
C ALA A 30 11.56 -3.50 -3.99
N SER A 31 10.96 -4.01 -5.08
CA SER A 31 11.07 -5.45 -5.35
C SER A 31 12.19 -5.79 -6.33
N LYS A 32 13.12 -4.88 -6.58
CA LYS A 32 14.13 -5.05 -7.62
C LYS A 32 15.37 -5.80 -7.15
N ASN A 33 15.47 -6.13 -5.85
CA ASN A 33 16.54 -6.97 -5.34
C ASN A 33 16.07 -8.37 -5.00
N GLU A 34 14.76 -8.60 -5.02
CA GLU A 34 14.19 -9.91 -4.68
C GLU A 34 14.44 -10.89 -5.84
N THR A 35 15.36 -11.82 -5.64
CA THR A 35 15.41 -12.99 -6.51
C THR A 35 14.26 -13.92 -6.14
N GLY A 36 13.48 -14.31 -7.13
CA GLY A 36 12.20 -14.93 -6.89
C GLY A 36 11.02 -13.97 -6.94
N GLY A 37 11.09 -12.95 -7.79
CA GLY A 37 9.96 -12.08 -8.01
C GLY A 37 9.48 -12.18 -9.45
N GLY A 38 8.17 -12.30 -9.64
CA GLY A 38 7.59 -12.50 -10.95
C GLY A 38 7.35 -13.96 -11.30
N GLU A 39 8.24 -14.86 -10.89
CA GLU A 39 8.03 -16.29 -11.12
C GLU A 39 7.00 -16.81 -10.12
N GLY A 40 5.97 -17.47 -10.63
CA GLY A 40 4.87 -17.92 -9.80
C GLY A 40 3.69 -16.98 -9.74
N VAL A 41 3.77 -15.83 -10.40
CA VAL A 41 2.63 -14.92 -10.49
C VAL A 41 1.76 -15.35 -11.66
N GLU A 42 0.46 -15.50 -11.42
CA GLU A 42 -0.47 -16.02 -12.41
C GLU A 42 -1.65 -15.08 -12.52
N VAL A 43 -1.84 -14.51 -13.70
CA VAL A 43 -2.96 -13.62 -13.97
C VAL A 43 -4.13 -14.47 -14.47
N LEU A 44 -5.15 -14.64 -13.63
CA LEU A 44 -6.35 -15.38 -14.04
C LEU A 44 -7.30 -14.48 -14.82
N VAL A 45 -7.48 -13.24 -14.38
CA VAL A 45 -8.43 -12.33 -15.00
C VAL A 45 -7.80 -10.95 -15.08
N ASN A 46 -8.03 -10.26 -16.20
CA ASN A 46 -7.56 -8.89 -16.40
C ASN A 46 -8.53 -8.21 -17.36
N GLU A 47 -9.41 -7.36 -16.83
CA GLU A 47 -10.50 -6.84 -17.65
C GLU A 47 -10.94 -5.47 -17.15
N PRO A 48 -11.49 -4.63 -18.01
CA PRO A 48 -12.09 -3.38 -17.54
C PRO A 48 -13.41 -3.64 -16.82
N TYR A 49 -13.81 -2.69 -15.98
CA TYR A 49 -15.09 -2.72 -15.31
C TYR A 49 -15.58 -1.28 -15.13
N GLU A 50 -16.86 -1.17 -14.79
CA GLU A 50 -17.52 0.12 -14.62
C GLU A 50 -18.78 -0.10 -13.77
N LYS A 51 -18.92 0.68 -12.70
CA LYS A 51 -20.08 0.56 -11.83
C LYS A 51 -20.30 1.86 -11.08
N ASP A 52 -21.42 2.53 -11.35
CA ASP A 52 -21.90 3.66 -10.58
C ASP A 52 -20.77 4.62 -10.19
N GLY A 53 -20.10 5.16 -11.21
CA GLY A 53 -19.07 6.17 -11.04
C GLY A 53 -17.67 5.61 -10.98
N GLU A 54 -17.49 4.39 -10.48
CA GLU A 54 -16.18 3.75 -10.41
C GLU A 54 -15.91 3.03 -11.72
N LYS A 55 -15.03 3.59 -12.54
CA LYS A 55 -14.57 2.95 -13.77
C LYS A 55 -13.10 2.58 -13.60
N GLY A 56 -12.76 1.33 -13.89
CA GLY A 56 -11.40 0.91 -13.63
C GLY A 56 -11.04 -0.43 -14.24
N GLN A 57 -9.94 -1.00 -13.75
CA GLN A 57 -9.45 -2.29 -14.19
C GLN A 57 -9.52 -3.30 -13.05
N TYR A 58 -10.10 -4.46 -13.31
CA TYR A 58 -10.16 -5.55 -12.37
C TYR A 58 -9.16 -6.61 -12.77
N THR A 59 -8.48 -7.18 -11.77
CA THR A 59 -7.57 -8.28 -11.98
C THR A 59 -7.79 -9.32 -10.91
N HIS A 60 -7.55 -10.58 -11.28
CA HIS A 60 -7.50 -11.69 -10.34
C HIS A 60 -6.19 -12.41 -10.61
N LYS A 61 -5.30 -12.41 -9.61
CA LYS A 61 -3.96 -12.98 -9.69
C LYS A 61 -3.75 -14.00 -8.57
N ILE A 62 -2.94 -15.00 -8.86
CA ILE A 62 -2.52 -15.99 -7.88
C ILE A 62 -1.01 -15.90 -7.75
N TYR A 63 -0.53 -15.96 -6.52
CA TYR A 63 0.88 -16.03 -6.21
C TYR A 63 1.11 -17.42 -5.62
N HIS A 64 1.81 -18.25 -6.38
CA HIS A 64 2.21 -19.59 -5.94
C HIS A 64 3.52 -19.50 -5.17
N LEU A 65 3.48 -19.88 -3.89
CA LEU A 65 4.66 -19.85 -3.05
C LEU A 65 5.33 -21.21 -2.94
N GLN A 66 4.85 -22.21 -3.70
CA GLN A 66 5.44 -23.55 -3.65
C GLN A 66 6.93 -23.51 -3.91
N SER A 67 7.36 -22.74 -4.90
CA SER A 67 8.77 -22.69 -5.31
C SER A 67 9.62 -21.80 -4.43
N LYS A 68 9.04 -21.12 -3.45
CA LYS A 68 9.73 -20.13 -2.65
C LYS A 68 9.88 -20.52 -1.19
N VAL A 69 9.42 -21.71 -0.81
CA VAL A 69 9.49 -22.16 0.58
C VAL A 69 10.26 -23.47 0.61
N PRO A 70 10.84 -23.83 1.75
CA PRO A 70 11.56 -25.10 1.85
C PRO A 70 10.68 -26.27 1.42
N THR A 71 11.34 -27.35 1.01
CA THR A 71 10.61 -28.51 0.53
C THR A 71 9.63 -29.02 1.58
N PHE A 72 10.04 -29.04 2.85
CA PHE A 72 9.18 -29.62 3.87
C PHE A 72 7.98 -28.75 4.15
N VAL A 73 8.11 -27.43 3.96
CA VAL A 73 6.93 -26.57 4.00
C VAL A 73 5.96 -26.98 2.88
N ARG A 74 6.49 -27.17 1.68
CA ARG A 74 5.64 -27.48 0.53
C ARG A 74 5.02 -28.88 0.63
N MET A 75 5.65 -29.81 1.36
CA MET A 75 5.04 -31.11 1.61
C MET A 75 4.06 -31.10 2.79
N LEU A 76 4.33 -30.29 3.82
CA LEU A 76 3.47 -30.22 4.99
C LEU A 76 2.26 -29.33 4.76
N ALA A 77 2.34 -28.38 3.84
CA ALA A 77 1.29 -27.39 3.69
C ALA A 77 0.01 -28.05 3.20
N PRO A 78 -1.12 -27.84 3.87
CA PRO A 78 -2.40 -28.32 3.35
C PRO A 78 -2.64 -27.77 1.95
N GLU A 79 -3.34 -28.55 1.13
CA GLU A 79 -3.60 -28.19 -0.25
C GLU A 79 -4.13 -26.77 -0.38
N GLY A 80 -3.50 -25.98 -1.25
CA GLY A 80 -3.90 -24.61 -1.50
C GLY A 80 -3.40 -23.59 -0.50
N ALA A 81 -2.86 -24.02 0.64
CA ALA A 81 -2.40 -23.07 1.65
C ALA A 81 -1.28 -22.17 1.14
N LEU A 82 -0.56 -22.59 0.11
CA LEU A 82 0.52 -21.80 -0.48
C LEU A 82 0.07 -21.04 -1.74
N ASN A 83 -1.24 -20.94 -1.98
CA ASN A 83 -1.79 -20.21 -3.11
C ASN A 83 -2.42 -18.95 -2.55
N ILE A 84 -1.83 -17.81 -2.83
CA ILE A 84 -2.34 -16.54 -2.33
C ILE A 84 -3.08 -15.85 -3.47
N HIS A 85 -4.35 -15.53 -3.25
CA HIS A 85 -5.19 -14.89 -4.25
C HIS A 85 -5.28 -13.41 -3.97
N GLU A 86 -5.09 -12.60 -5.00
CA GLU A 86 -5.29 -11.16 -4.91
C GLU A 86 -6.29 -10.73 -5.98
N LYS A 87 -7.41 -10.14 -5.53
CA LYS A 87 -8.40 -9.56 -6.41
C LYS A 87 -8.31 -8.05 -6.28
N ALA A 88 -8.18 -7.34 -7.39
CA ALA A 88 -7.91 -5.91 -7.35
C ALA A 88 -8.84 -5.14 -8.29
N TRP A 89 -9.37 -4.03 -7.77
CA TRP A 89 -10.16 -3.07 -8.54
C TRP A 89 -9.41 -1.75 -8.49
N ASN A 90 -8.82 -1.33 -9.61
CA ASN A 90 -8.04 -0.10 -9.70
C ASN A 90 -8.86 0.91 -10.49
N ALA A 91 -9.44 1.89 -9.80
CA ALA A 91 -10.01 3.07 -10.44
C ALA A 91 -9.40 4.31 -9.78
N TYR A 92 -8.07 4.38 -9.80
CA TYR A 92 -7.36 5.45 -9.13
C TYR A 92 -7.97 6.81 -9.51
N PRO A 93 -8.23 7.69 -8.55
CA PRO A 93 -7.76 7.70 -7.15
C PRO A 93 -8.42 6.76 -6.15
N TYR A 94 -9.26 5.80 -6.57
CA TYR A 94 -9.79 4.80 -5.64
C TYR A 94 -9.27 3.41 -6.04
N CYS A 95 -9.02 2.58 -5.05
CA CYS A 95 -8.57 1.20 -5.34
C CYS A 95 -8.96 0.24 -4.20
N ARG A 96 -9.35 -0.98 -4.55
CA ARG A 96 -9.65 -1.99 -3.56
C ARG A 96 -8.84 -3.23 -3.88
N THR A 97 -8.27 -3.86 -2.86
CA THR A 97 -7.62 -5.14 -3.06
C THR A 97 -8.05 -6.09 -1.95
N VAL A 98 -8.25 -7.34 -2.32
CA VAL A 98 -8.70 -8.37 -1.39
C VAL A 98 -7.73 -9.53 -1.51
N ILE A 99 -7.08 -9.89 -0.41
CA ILE A 99 -6.10 -10.95 -0.35
C ILE A 99 -6.71 -12.11 0.43
N THR A 100 -6.66 -13.30 -0.17
CA THR A 100 -7.15 -14.51 0.48
C THR A 100 -6.13 -15.62 0.26
N ASN A 101 -6.36 -16.74 0.96
CA ASN A 101 -5.56 -17.93 0.86
C ASN A 101 -6.45 -19.05 0.31
N GLU A 102 -5.94 -19.81 -0.66
CA GLU A 102 -6.79 -20.79 -1.35
C GLU A 102 -7.36 -21.81 -0.39
N TYR A 103 -6.59 -22.19 0.64
CA TYR A 103 -7.05 -23.22 1.57
C TYR A 103 -7.91 -22.64 2.68
N MET A 104 -7.58 -21.44 3.18
CA MET A 104 -8.44 -20.73 4.12
C MET A 104 -9.75 -20.26 3.48
N LYS A 105 -9.83 -20.24 2.16
CA LYS A 105 -10.99 -19.74 1.43
C LYS A 105 -11.23 -18.30 1.88
N GLU A 106 -12.44 -17.94 2.30
CA GLU A 106 -12.75 -16.57 2.69
C GLU A 106 -12.66 -16.38 4.20
N ASP A 107 -12.13 -17.36 4.92
CA ASP A 107 -11.99 -17.27 6.37
C ASP A 107 -10.75 -16.50 6.80
N PHE A 108 -9.78 -16.33 5.91
CA PHE A 108 -8.64 -15.44 6.10
C PHE A 108 -8.66 -14.42 4.99
N LEU A 109 -8.85 -13.15 5.35
CA LEU A 109 -9.07 -12.12 4.36
C LEU A 109 -8.43 -10.80 4.81
N ILE A 110 -7.69 -10.18 3.90
CA ILE A 110 -7.15 -8.84 4.09
C ILE A 110 -7.67 -7.98 2.96
N LYS A 111 -8.48 -6.98 3.28
CA LYS A 111 -9.02 -6.07 2.29
C LYS A 111 -8.52 -4.66 2.58
N ILE A 112 -7.96 -4.00 1.58
CA ILE A 112 -7.55 -2.60 1.69
C ILE A 112 -8.35 -1.80 0.68
N GLU A 113 -9.03 -0.76 1.15
CA GLU A 113 -9.76 0.15 0.28
C GLU A 113 -9.18 1.54 0.49
N THR A 114 -8.69 2.16 -0.56
CA THR A 114 -7.97 3.42 -0.44
C THR A 114 -8.63 4.52 -1.25
N TRP A 115 -8.80 5.68 -0.63
CA TRP A 115 -9.11 6.93 -1.32
C TRP A 115 -7.88 7.83 -1.27
N HIS A 116 -7.47 8.35 -2.42
CA HIS A 116 -6.33 9.25 -2.52
C HIS A 116 -6.86 10.66 -2.77
N LYS A 117 -6.76 11.53 -1.75
CA LYS A 117 -7.42 12.83 -1.84
C LYS A 117 -6.44 13.98 -1.69
N PRO A 118 -6.71 15.12 -2.34
CA PRO A 118 -5.82 16.29 -2.22
C PRO A 118 -6.11 17.14 -0.98
N ASP A 119 -6.03 16.51 0.19
CA ASP A 119 -6.24 17.20 1.45
C ASP A 119 -5.22 16.69 2.47
N LEU A 120 -5.36 17.16 3.71
CA LEU A 120 -4.44 16.84 4.81
C LEU A 120 -5.02 15.79 5.74
N GLY A 121 -5.78 14.84 5.20
CA GLY A 121 -6.34 13.78 6.01
C GLY A 121 -7.40 14.22 6.98
N THR A 122 -8.19 15.24 6.61
CA THR A 122 -9.19 15.81 7.49
C THR A 122 -10.59 15.26 7.26
N GLN A 123 -10.80 14.49 6.20
CA GLN A 123 -12.13 13.95 5.92
C GLN A 123 -12.45 12.82 6.89
N GLU A 124 -13.74 12.69 7.20
CA GLU A 124 -14.22 11.66 8.12
C GLU A 124 -15.16 10.72 7.40
N ASN A 125 -14.92 9.41 7.55
CA ASN A 125 -15.67 8.38 6.83
C ASN A 125 -15.65 8.61 5.32
N VAL A 126 -14.46 8.92 4.80
CA VAL A 126 -14.30 9.13 3.37
C VAL A 126 -14.76 7.93 2.55
N HIS A 127 -14.78 6.74 3.15
CA HIS A 127 -15.24 5.54 2.47
C HIS A 127 -16.75 5.34 2.59
N LYS A 128 -17.45 6.23 3.27
CA LYS A 128 -18.91 6.19 3.34
C LYS A 128 -19.39 4.86 3.93
N LEU A 129 -18.89 4.54 5.12
CA LEU A 129 -19.35 3.37 5.85
C LEU A 129 -20.68 3.66 6.53
N GLU A 130 -21.42 2.59 6.82
CA GLU A 130 -22.62 2.77 7.63
C GLU A 130 -22.24 3.39 8.97
N PRO A 131 -23.09 4.27 9.53
CA PRO A 131 -22.69 5.02 10.74
C PRO A 131 -22.19 4.14 11.88
N GLU A 132 -22.97 3.12 12.27
CA GLU A 132 -22.54 2.28 13.40
C GLU A 132 -21.23 1.58 13.10
N ALA A 133 -21.05 1.09 11.87
CA ALA A 133 -19.79 0.46 11.50
C ALA A 133 -18.63 1.46 11.59
N TRP A 134 -18.81 2.64 11.00
CA TRP A 134 -17.77 3.67 11.08
C TRP A 134 -17.36 3.93 12.52
N LYS A 135 -18.34 3.98 13.43
CA LYS A 135 -18.04 4.32 14.82
C LYS A 135 -17.01 3.38 15.44
N HIS A 136 -16.76 2.21 14.83
CA HIS A 136 -15.84 1.24 15.39
C HIS A 136 -14.52 1.16 14.61
N VAL A 137 -14.20 2.19 13.81
CA VAL A 137 -12.99 2.21 13.01
C VAL A 137 -12.02 3.19 13.64
N GLU A 138 -10.84 2.69 14.02
CA GLU A 138 -9.80 3.55 14.55
C GLU A 138 -9.07 4.24 13.41
N ALA A 139 -8.92 5.55 13.51
CA ALA A 139 -8.08 6.29 12.57
C ALA A 139 -6.65 6.31 13.09
N VAL A 140 -5.71 5.94 12.23
CA VAL A 140 -4.31 5.84 12.59
C VAL A 140 -3.51 6.70 11.62
N TYR A 141 -2.83 7.72 12.16
CA TYR A 141 -2.07 8.65 11.34
C TYR A 141 -0.64 8.16 11.18
N ILE A 142 -0.14 8.17 9.95
CA ILE A 142 1.22 7.78 9.64
C ILE A 142 1.96 9.03 9.19
N ASP A 143 3.02 9.36 9.91
CA ASP A 143 3.81 10.57 9.68
C ASP A 143 5.20 10.12 9.25
N ILE A 144 5.51 10.27 7.96
CA ILE A 144 6.76 9.74 7.43
C ILE A 144 7.98 10.49 7.91
N ALA A 145 7.81 11.66 8.54
CA ALA A 145 8.97 12.37 9.08
C ALA A 145 9.36 11.86 10.45
N ASP A 146 8.42 11.27 11.18
CA ASP A 146 8.55 10.97 12.61
C ASP A 146 9.39 9.71 12.80
N ARG A 147 10.60 9.88 13.33
N ARG A 147 10.60 9.88 13.32
CA ARG A 147 11.48 8.73 13.50
CA ARG A 147 11.48 8.73 13.50
C ARG A 147 10.95 7.75 14.54
C ARG A 147 10.92 7.75 14.52
N SER A 148 10.21 8.25 15.54
CA SER A 148 9.69 7.39 16.59
C SER A 148 8.64 6.41 16.09
N GLN A 149 8.18 6.54 14.85
CA GLN A 149 7.22 5.60 14.28
C GLN A 149 7.90 4.50 13.49
N VAL A 150 9.23 4.45 13.50
CA VAL A 150 10.00 3.45 12.76
C VAL A 150 10.65 2.50 13.75
N LEU A 151 10.67 1.22 13.41
CA LEU A 151 11.44 0.26 14.19
C LEU A 151 12.92 0.47 13.92
N SER A 152 13.72 0.41 14.98
CA SER A 152 15.16 0.65 14.83
C SER A 152 15.77 -0.31 13.81
N LYS A 153 15.29 -1.57 13.77
CA LYS A 153 15.85 -2.51 12.81
C LYS A 153 15.46 -2.13 11.38
N ASP A 154 14.34 -1.44 11.20
CA ASP A 154 13.93 -0.98 9.88
C ASP A 154 14.64 0.31 9.47
N TYR A 155 15.15 1.08 10.42
CA TYR A 155 15.66 2.41 10.09
C TYR A 155 16.81 2.34 9.10
N LYS A 156 16.75 3.22 8.10
CA LYS A 156 17.81 3.38 7.11
C LYS A 156 17.95 4.86 6.83
N ALA A 157 19.15 5.41 7.06
CA ALA A 157 19.36 6.84 6.86
C ALA A 157 19.03 7.26 5.45
N GLU A 158 19.28 6.38 4.46
CA GLU A 158 19.00 6.71 3.08
C GLU A 158 17.51 6.66 2.73
N GLU A 159 16.66 6.21 3.66
CA GLU A 159 15.22 6.22 3.47
C GLU A 159 14.53 7.03 4.54
N ASP A 160 15.22 8.09 5.01
CA ASP A 160 14.72 8.94 6.08
C ASP A 160 14.34 10.30 5.49
N PRO A 161 13.04 10.63 5.35
CA PRO A 161 12.68 11.96 4.82
C PRO A 161 13.23 13.12 5.64
N ALA A 162 13.58 12.89 6.91
CA ALA A 162 14.23 13.93 7.70
C ALA A 162 15.65 14.22 7.24
N LYS A 163 16.21 13.39 6.35
CA LYS A 163 17.59 13.56 5.88
C LYS A 163 17.69 13.61 4.36
N PHE A 164 16.59 13.84 3.65
CA PHE A 164 16.59 13.84 2.20
C PHE A 164 16.04 15.16 1.67
N LYS A 165 16.73 15.74 0.70
CA LYS A 165 16.19 16.86 -0.06
C LYS A 165 16.22 16.50 -1.54
N SER A 166 15.12 16.78 -2.24
CA SER A 166 14.98 16.39 -3.63
C SER A 166 15.70 17.38 -4.55
N ILE A 167 16.56 16.86 -5.42
CA ILE A 167 17.20 17.70 -6.42
C ILE A 167 16.17 18.37 -7.31
N LYS A 168 15.26 17.58 -7.91
CA LYS A 168 14.37 18.08 -8.94
C LYS A 168 13.28 19.00 -8.37
N THR A 169 12.87 18.79 -7.12
CA THR A 169 11.78 19.56 -6.54
C THR A 169 12.18 20.37 -5.32
N GLY A 170 13.37 20.13 -4.74
CA GLY A 170 13.79 20.86 -3.57
C GLY A 170 12.94 20.57 -2.35
N ARG A 171 12.03 19.60 -2.49
CA ARG A 171 11.21 19.21 -1.36
C ARG A 171 12.05 18.43 -0.35
N GLY A 172 11.73 18.62 0.92
CA GLY A 172 12.50 18.03 2.00
C GLY A 172 13.76 18.83 2.29
N PRO A 173 14.45 18.49 3.39
CA PRO A 173 14.12 17.44 4.36
C PRO A 173 12.87 17.78 5.15
N LEU A 174 12.19 16.79 5.73
CA LEU A 174 10.93 17.00 6.42
C LEU A 174 11.17 17.11 7.92
N GLY A 175 10.69 18.19 8.52
CA GLY A 175 10.77 18.40 9.94
C GLY A 175 9.43 18.15 10.60
N PRO A 176 9.38 18.23 11.94
CA PRO A 176 8.11 17.96 12.64
C PRO A 176 6.99 18.92 12.27
N ASN A 177 7.29 20.04 11.63
CA ASN A 177 6.28 21.02 11.25
C ASN A 177 5.93 20.99 9.77
N TRP A 178 6.35 19.94 9.05
CA TRP A 178 6.18 19.95 7.60
C TRP A 178 4.71 20.07 7.20
N LYS A 179 3.83 19.33 7.89
CA LYS A 179 2.41 19.44 7.59
C LYS A 179 1.88 20.85 7.86
N GLN A 180 2.35 21.48 8.94
CA GLN A 180 1.93 22.84 9.23
C GLN A 180 2.37 23.81 8.14
N GLU A 181 3.63 23.67 7.68
CA GLU A 181 4.10 24.51 6.59
C GLU A 181 3.43 24.19 5.26
N LEU A 182 2.72 23.06 5.17
CA LEU A 182 1.91 22.83 3.97
C LEU A 182 0.68 23.72 3.92
N VAL A 183 -0.02 23.89 5.05
CA VAL A 183 -1.18 24.78 5.07
C VAL A 183 -0.77 26.22 4.81
N ASN A 184 0.40 26.62 5.32
CA ASN A 184 0.93 27.96 5.11
C ASN A 184 1.65 28.12 3.78
N GLN A 185 1.59 27.11 2.91
CA GLN A 185 2.24 27.15 1.61
C GLN A 185 1.19 27.27 0.52
N LYS A 186 1.60 27.85 -0.61
CA LYS A 186 0.75 27.97 -1.77
C LYS A 186 1.22 27.12 -2.95
N ASP A 187 2.36 26.44 -2.81
CA ASP A 187 3.00 25.79 -3.95
C ASP A 187 3.08 24.29 -3.78
N CYS A 188 3.84 23.79 -2.81
CA CYS A 188 4.14 22.36 -2.75
C CYS A 188 2.85 21.55 -2.64
N PRO A 189 2.66 20.53 -3.46
CA PRO A 189 1.43 19.72 -3.40
C PRO A 189 1.39 18.89 -2.14
N TYR A 190 0.19 18.36 -1.85
CA TYR A 190 0.02 17.44 -0.74
C TYR A 190 -1.22 16.60 -0.98
N MET A 191 -1.23 15.40 -0.40
CA MET A 191 -2.40 14.54 -0.47
C MET A 191 -2.45 13.65 0.77
N CYS A 192 -3.50 12.84 0.86
CA CYS A 192 -3.63 11.86 1.92
C CYS A 192 -4.21 10.57 1.33
N ALA A 193 -3.55 9.45 1.61
CA ALA A 193 -4.09 8.14 1.26
C ALA A 193 -4.87 7.63 2.47
N TYR A 194 -6.16 7.39 2.26
CA TYR A 194 -7.07 6.90 3.29
C TYR A 194 -7.20 5.41 3.02
N LYS A 195 -6.37 4.62 3.69
CA LYS A 195 -6.29 3.18 3.47
C LYS A 195 -7.06 2.50 4.59
N LEU A 196 -8.29 2.09 4.31
CA LEU A 196 -9.15 1.37 5.25
C LEU A 196 -8.84 -0.13 5.12
N VAL A 197 -8.30 -0.70 6.18
CA VAL A 197 -7.83 -2.08 6.21
C VAL A 197 -8.79 -2.89 7.08
N THR A 198 -9.31 -3.97 6.48
CA THR A 198 -10.13 -4.98 7.13
C THR A 198 -9.35 -6.28 7.19
N VAL A 199 -9.23 -6.87 8.37
CA VAL A 199 -8.56 -8.15 8.55
C VAL A 199 -9.53 -9.11 9.22
N LYS A 200 -9.74 -10.27 8.59
CA LYS A 200 -10.66 -11.29 9.05
C LYS A 200 -9.89 -12.59 9.20
N PHE A 201 -9.95 -13.20 10.38
CA PHE A 201 -9.37 -14.52 10.61
C PHE A 201 -10.36 -15.30 11.49
N LYS A 202 -11.10 -16.21 10.87
CA LYS A 202 -12.25 -16.85 11.51
C LYS A 202 -11.93 -18.20 12.14
N TRP A 203 -10.73 -18.74 11.96
CA TRP A 203 -10.42 -20.07 12.45
C TRP A 203 -9.80 -20.03 13.84
N TRP A 204 -10.05 -21.09 14.61
CA TRP A 204 -9.30 -21.41 15.82
C TRP A 204 -9.40 -20.32 16.88
N GLY A 205 -10.46 -19.52 16.87
CA GLY A 205 -10.67 -18.49 17.86
C GLY A 205 -9.51 -17.51 17.99
N LEU A 206 -8.69 -17.42 16.93
CA LEU A 206 -7.54 -16.53 16.90
C LEU A 206 -7.81 -15.24 16.15
N GLN A 207 -9.08 -14.84 16.04
CA GLN A 207 -9.42 -13.64 15.29
C GLN A 207 -8.65 -12.43 15.84
N ASN A 208 -8.75 -12.18 17.15
CA ASN A 208 -8.17 -10.99 17.73
C ASN A 208 -6.65 -10.96 17.53
N LYS A 209 -5.98 -12.06 17.87
CA LYS A 209 -4.52 -12.10 17.81
C LYS A 209 -4.02 -11.82 16.39
N VAL A 210 -4.58 -12.54 15.41
CA VAL A 210 -4.12 -12.41 14.04
C VAL A 210 -4.46 -11.04 13.47
N GLU A 211 -5.68 -10.55 13.73
CA GLU A 211 -6.06 -9.24 13.22
C GLU A 211 -5.15 -8.16 13.77
N ASN A 212 -4.79 -8.26 15.05
CA ASN A 212 -3.89 -7.28 15.65
C ASN A 212 -2.49 -7.37 15.06
N PHE A 213 -1.97 -8.59 14.93
CA PHE A 213 -0.65 -8.78 14.33
C PHE A 213 -0.60 -8.22 12.91
N ILE A 214 -1.62 -8.52 12.11
CA ILE A 214 -1.65 -8.05 10.72
C ILE A 214 -1.75 -6.53 10.67
N HIS A 215 -2.54 -5.92 11.55
CA HIS A 215 -2.65 -4.47 11.53
C HIS A 215 -1.33 -3.80 11.92
N LYS A 216 -0.65 -4.34 12.94
CA LYS A 216 0.66 -3.81 13.29
C LYS A 216 1.64 -3.91 12.13
N GLN A 217 1.66 -5.06 11.45
CA GLN A 217 2.55 -5.23 10.31
C GLN A 217 2.17 -4.31 9.15
N GLU A 218 0.87 -4.09 8.94
CA GLU A 218 0.44 -3.16 7.91
C GLU A 218 0.88 -1.73 8.21
N ARG A 219 0.75 -1.30 9.47
CA ARG A 219 1.20 0.04 9.83
C ARG A 219 2.70 0.18 9.57
N ARG A 220 3.47 -0.83 9.99
CA ARG A 220 4.92 -0.80 9.75
C ARG A 220 5.22 -0.74 8.25
N LEU A 221 4.53 -1.54 7.45
CA LEU A 221 4.79 -1.55 6.01
C LEU A 221 4.36 -0.22 5.37
N PHE A 222 3.20 0.32 5.73
CA PHE A 222 2.78 1.60 5.18
C PHE A 222 3.82 2.69 5.50
N THR A 223 4.34 2.67 6.72
CA THR A 223 5.32 3.66 7.14
C THR A 223 6.62 3.54 6.35
N ASN A 224 7.22 2.35 6.37
CA ASN A 224 8.48 2.16 5.66
C ASN A 224 8.32 2.43 4.16
N PHE A 225 7.23 1.95 3.57
CA PHE A 225 7.03 2.11 2.14
C PHE A 225 6.92 3.59 1.76
N HIS A 226 6.17 4.37 2.52
CA HIS A 226 6.03 5.76 2.09
C HIS A 226 7.24 6.60 2.43
N ARG A 227 8.01 6.22 3.46
CA ARG A 227 9.31 6.85 3.67
C ARG A 227 10.22 6.61 2.47
N GLN A 228 10.30 5.35 2.01
CA GLN A 228 11.02 5.03 0.78
C GLN A 228 10.51 5.87 -0.39
N LEU A 229 9.19 5.91 -0.56
CA LEU A 229 8.60 6.58 -1.70
C LEU A 229 9.00 8.05 -1.74
N PHE A 230 8.95 8.72 -0.59
CA PHE A 230 9.39 10.12 -0.57
C PHE A 230 10.87 10.23 -0.91
N CYS A 231 11.71 9.40 -0.29
CA CYS A 231 13.14 9.55 -0.50
C CYS A 231 13.56 9.16 -1.92
N TRP A 232 12.68 8.58 -2.72
CA TRP A 232 12.99 8.26 -4.10
C TRP A 232 12.41 9.30 -5.05
N LEU A 233 11.93 10.42 -4.52
CA LEU A 233 11.24 11.42 -5.34
C LEU A 233 12.01 11.73 -6.61
N ASP A 234 13.34 11.89 -6.50
CA ASP A 234 14.13 12.28 -7.65
C ASP A 234 14.18 11.21 -8.72
N LYS A 235 13.86 9.97 -8.37
CA LYS A 235 13.91 8.88 -9.36
C LYS A 235 12.64 8.81 -10.20
N TRP A 236 11.49 9.24 -9.66
CA TRP A 236 10.23 9.00 -10.34
C TRP A 236 9.36 10.24 -10.54
N VAL A 237 9.68 11.38 -9.91
CA VAL A 237 8.77 12.51 -9.98
C VAL A 237 8.65 13.05 -11.40
N ASP A 238 9.62 12.77 -12.27
CA ASP A 238 9.59 13.25 -13.64
C ASP A 238 9.01 12.23 -14.61
N LEU A 239 8.51 11.11 -14.12
CA LEU A 239 7.87 10.10 -14.96
C LEU A 239 6.40 10.43 -15.15
N THR A 240 5.87 10.06 -16.30
CA THR A 240 4.43 10.04 -16.56
C THR A 240 3.91 8.62 -16.44
N MET A 241 2.58 8.48 -16.47
CA MET A 241 1.99 7.15 -16.49
C MET A 241 2.45 6.34 -17.69
N ASP A 242 2.64 6.99 -18.83
CA ASP A 242 3.12 6.29 -20.02
C ASP A 242 4.51 5.71 -19.78
N ASP A 243 5.38 6.48 -19.12
CA ASP A 243 6.68 5.95 -18.71
C ASP A 243 6.51 4.68 -17.89
N ILE A 244 5.58 4.69 -16.95
CA ILE A 244 5.40 3.54 -16.06
C ILE A 244 4.94 2.32 -16.85
N ARG A 245 3.94 2.51 -17.71
CA ARG A 245 3.46 1.41 -18.56
C ARG A 245 4.59 0.85 -19.42
N ARG A 246 5.44 1.74 -19.95
CA ARG A 246 6.57 1.31 -20.77
C ARG A 246 7.53 0.45 -19.96
N MET A 247 7.89 0.89 -18.75
CA MET A 247 8.76 0.08 -17.91
C MET A 247 8.12 -1.26 -17.58
N GLU A 248 6.80 -1.29 -17.43
CA GLU A 248 6.12 -2.56 -17.19
C GLU A 248 6.32 -3.50 -18.38
N GLU A 249 5.97 -3.05 -19.58
CA GLU A 249 6.21 -3.88 -20.77
C GLU A 249 7.65 -4.33 -20.84
N GLU A 250 8.59 -3.42 -20.62
CA GLU A 250 10.01 -3.76 -20.59
C GLU A 250 10.26 -4.95 -19.67
N THR A 251 9.83 -4.83 -18.41
CA THR A 251 9.99 -5.93 -17.47
C THR A 251 9.22 -7.18 -17.88
N LYS A 252 8.31 -7.08 -18.86
CA LYS A 252 7.53 -8.23 -19.27
C LYS A 252 8.33 -9.21 -20.14
N ARG A 253 9.32 -8.73 -20.89
CA ARG A 253 10.02 -9.58 -21.86
C ARG A 253 10.54 -10.87 -21.20
N GLN A 254 11.25 -10.73 -20.10
CA GLN A 254 11.93 -11.86 -19.47
C GLN A 254 10.94 -12.94 -19.01
#